data_6YG7
#
_entry.id   6YG7
#
_cell.length_a   72.070
_cell.length_b   69.240
_cell.length_c   72.250
_cell.angle_alpha   90.000
_cell.angle_beta   117.920
_cell.angle_gamma   90.000
#
_symmetry.space_group_name_H-M   'P 1 21 1'
#
loop_
_entity.id
_entity.type
_entity.pdbx_description
1 polymer 'Dual specificity mitogen-activated protein kinase kinase 7'
2 non-polymer 1,2-ETHANEDIOL
3 non-polymer ~{N}-[4-[(4-ethylpiperazin-1-yl)methyl]-3-(trifluoromethyl)phenyl]-4-methyl-3-[2-[[(3~{R})-1-propanoylpyrrolidin-3-yl]amino]pyrimidin-4-yl]oxy-benzamide
4 water water
#
_entity_poly.entity_id   1
_entity_poly.type   'polypeptide(L)'
_entity_poly.pdbx_seq_one_letter_code
;SMKQTGYLTIGGQRYQAEINDLENLGEMGSGTCGQVWKMRFRKTGHVIAVKQMRRSGNKEENKRILMDLDVVLKSHDCPY
IVQCFGTFITNTDVFIAMELMGTCAEKLKKRMQGPIPERILGKMTVAIVKALYYLKEKHGVIHRDVKPSNILLDERGQIK
LCDFGISGRLVDDKAKDRSAGCAAYMAPERIDPPDPTKPDYDIRADVWSLGISLVELATGQFPYKNCKTDFEVLTKVLQE
EPPLLPGHMGFSGDFQSFVKDCLTKDHRKRPKYNKLLEHSFIKRYETLEVDVASWFKDVMAKTESPR
;
_entity_poly.pdbx_strand_id   A,B
#
# COMPACT_ATOMS: atom_id res chain seq x y z
N GLN A 4 2.58 -22.02 -3.92
CA GLN A 4 1.53 -22.10 -4.97
C GLN A 4 0.17 -22.34 -4.33
N THR A 5 -0.69 -21.34 -4.34
CA THR A 5 -2.05 -21.49 -3.85
C THR A 5 -2.91 -22.15 -4.97
N GLY A 6 -4.19 -22.38 -4.66
CA GLY A 6 -5.09 -23.00 -5.64
C GLY A 6 -5.88 -22.08 -6.57
N TYR A 7 -5.41 -20.83 -6.74
CA TYR A 7 -6.21 -19.80 -7.42
C TYR A 7 -5.48 -18.85 -8.37
N LEU A 8 -6.23 -18.41 -9.38
CA LEU A 8 -5.95 -17.21 -10.13
C LEU A 8 -6.64 -16.02 -9.42
N THR A 9 -5.86 -15.00 -9.11
CA THR A 9 -6.36 -13.71 -8.56
C THR A 9 -6.39 -12.63 -9.63
N ILE A 10 -7.60 -12.22 -10.02
CA ILE A 10 -7.84 -11.33 -11.17
C ILE A 10 -8.83 -10.24 -10.76
N GLY A 11 -8.49 -8.99 -11.07
CA GLY A 11 -9.33 -7.82 -10.73
C GLY A 11 -9.87 -7.91 -9.32
N GLY A 12 -8.99 -8.22 -8.39
CA GLY A 12 -9.33 -8.27 -6.98
C GLY A 12 -10.13 -9.45 -6.49
N GLN A 13 -10.29 -10.49 -7.32
CA GLN A 13 -11.05 -11.68 -6.91
C GLN A 13 -10.27 -12.96 -7.18
N ARG A 14 -10.57 -13.98 -6.40
CA ARG A 14 -9.80 -15.20 -6.35
C ARG A 14 -10.65 -16.34 -6.98
N TYR A 15 -10.25 -16.84 -8.14
CA TYR A 15 -10.98 -17.91 -8.79
C TYR A 15 -10.19 -19.19 -8.69
N GLN A 16 -10.82 -20.22 -8.14
CA GLN A 16 -10.26 -21.58 -8.21
C GLN A 16 -9.86 -21.92 -9.66
N ALA A 17 -8.69 -22.55 -9.85
CA ALA A 17 -8.13 -22.83 -11.19
C ALA A 17 -7.22 -24.03 -11.22
N GLU A 18 -7.20 -24.73 -12.36
CA GLU A 18 -6.25 -25.80 -12.68
C GLU A 18 -5.72 -25.53 -14.09
N ILE A 19 -4.56 -26.08 -14.40
CA ILE A 19 -3.90 -25.89 -15.73
C ILE A 19 -4.83 -26.11 -16.94
N ASN A 20 -5.76 -27.06 -16.81
CA ASN A 20 -6.69 -27.42 -17.90
C ASN A 20 -7.83 -26.44 -18.13
N ASP A 21 -8.06 -25.55 -17.16
CA ASP A 21 -9.00 -24.45 -17.35
C ASP A 21 -8.50 -23.41 -18.35
N LEU A 22 -7.19 -23.40 -18.60
CA LEU A 22 -6.60 -22.51 -19.63
C LEU A 22 -6.69 -23.08 -21.05
N GLU A 23 -7.21 -22.28 -21.95
CA GLU A 23 -7.35 -22.57 -23.39
C GLU A 23 -6.33 -21.67 -24.12
N ASN A 24 -5.53 -22.26 -25.00
CA ASN A 24 -4.50 -21.54 -25.74
C ASN A 24 -5.09 -20.81 -26.96
N LEU A 25 -4.84 -19.50 -27.05
CA LEU A 25 -5.22 -18.69 -28.24
C LEU A 25 -4.06 -18.37 -29.20
N GLY A 26 -2.85 -18.76 -28.84
CA GLY A 26 -1.70 -18.58 -29.72
C GLY A 26 -0.54 -18.00 -28.96
N GLU A 27 0.65 -18.11 -29.56
CA GLU A 27 1.83 -17.54 -28.95
C GLU A 27 1.88 -16.04 -29.23
N MET A 28 2.45 -15.30 -28.27
CA MET A 28 2.69 -13.85 -28.44
C MET A 28 4.16 -13.47 -28.64
N GLY A 29 5.09 -14.16 -27.96
CA GLY A 29 6.53 -13.83 -28.06
C GLY A 29 7.24 -14.40 -29.29
N SER A 30 8.56 -14.27 -29.31
CA SER A 30 9.39 -14.95 -30.33
C SER A 30 10.86 -15.01 -29.92
N GLY A 34 12.05 -19.95 -22.26
CA GLY A 34 10.98 -19.00 -22.02
C GLY A 34 10.09 -18.81 -23.24
N GLN A 35 8.78 -18.81 -23.02
CA GLN A 35 7.76 -18.93 -24.07
C GLN A 35 6.43 -18.35 -23.55
N VAL A 36 5.74 -17.54 -24.35
CA VAL A 36 4.57 -16.77 -23.90
C VAL A 36 3.33 -16.98 -24.77
N TRP A 37 2.20 -17.30 -24.12
CA TRP A 37 0.94 -17.64 -24.80
C TRP A 37 -0.20 -16.73 -24.37
N LYS A 38 -0.98 -16.26 -25.34
CA LYS A 38 -2.27 -15.68 -25.02
C LYS A 38 -3.18 -16.87 -24.71
N MET A 39 -3.77 -16.88 -23.49
CA MET A 39 -4.74 -17.90 -23.08
C MET A 39 -6.04 -17.32 -22.48
N ARG A 40 -7.08 -18.13 -22.56
CA ARG A 40 -8.40 -17.84 -22.01
C ARG A 40 -8.64 -18.72 -20.80
N PHE A 41 -9.00 -18.11 -19.67
CA PHE A 41 -9.39 -18.85 -18.49
C PHE A 41 -10.85 -19.19 -18.65
N ARG A 42 -11.17 -20.49 -18.79
CA ARG A 42 -12.56 -20.96 -19.06
C ARG A 42 -13.61 -20.53 -18.10
N LYS A 43 -13.30 -20.60 -16.82
CA LYS A 43 -14.26 -20.28 -15.75
C LYS A 43 -14.83 -18.87 -15.83
N THR A 44 -13.98 -17.89 -16.20
CA THR A 44 -14.40 -16.51 -16.34
C THR A 44 -14.40 -15.98 -17.75
N GLY A 45 -13.75 -16.61 -18.70
CA GLY A 45 -13.51 -15.94 -20.02
C GLY A 45 -12.41 -14.82 -20.05
N HIS A 46 -11.74 -14.58 -18.94
CA HIS A 46 -10.65 -13.57 -18.94
C HIS A 46 -9.51 -14.06 -19.85
N VAL A 47 -9.06 -13.21 -20.75
CA VAL A 47 -7.91 -13.49 -21.59
C VAL A 47 -6.66 -13.00 -20.88
N ILE A 48 -5.64 -13.85 -20.79
CA ILE A 48 -4.47 -13.60 -19.97
C ILE A 48 -3.19 -13.95 -20.68
N ALA A 49 -2.06 -13.47 -20.13
CA ALA A 49 -0.74 -13.82 -20.70
C ALA A 49 -0.10 -14.85 -19.81
N VAL A 50 0.41 -15.92 -20.42
CA VAL A 50 1.05 -16.99 -19.66
C VAL A 50 2.47 -17.25 -20.14
N LYS A 51 3.41 -17.19 -19.21
CA LYS A 51 4.77 -17.59 -19.47
C LYS A 51 5.02 -19.04 -19.03
N GLN A 52 5.62 -19.80 -19.94
CA GLN A 52 6.05 -21.19 -19.70
C GLN A 52 7.57 -21.20 -19.57
N MET A 53 8.05 -21.69 -18.43
CA MET A 53 9.47 -21.88 -18.19
C MET A 53 9.76 -23.36 -17.89
N ARG A 54 10.79 -23.91 -18.53
CA ARG A 54 11.41 -25.19 -18.13
C ARG A 54 12.06 -25.02 -16.76
N ARG A 55 11.89 -26.02 -15.89
CA ARG A 55 12.57 -26.00 -14.58
C ARG A 55 14.02 -26.46 -14.71
N SER A 56 14.96 -25.51 -14.55
CA SER A 56 16.40 -25.82 -14.56
C SER A 56 16.79 -26.43 -13.23
N GLY A 57 17.74 -27.35 -13.28
CA GLY A 57 18.19 -28.12 -12.12
C GLY A 57 19.19 -27.42 -11.19
N ASN A 58 19.59 -26.20 -11.53
CA ASN A 58 20.42 -25.38 -10.61
C ASN A 58 19.55 -24.85 -9.48
N LYS A 59 19.98 -25.09 -8.24
CA LYS A 59 19.18 -24.73 -7.06
C LYS A 59 19.03 -23.22 -6.94
N GLU A 60 20.16 -22.51 -6.94
CA GLU A 60 20.18 -21.04 -6.91
C GLU A 60 19.58 -20.44 -8.19
N GLU A 61 19.92 -21.02 -9.34
CA GLU A 61 19.38 -20.58 -10.64
C GLU A 61 17.88 -20.84 -10.83
N ASN A 62 17.27 -21.68 -9.98
CA ASN A 62 15.82 -21.93 -9.99
C ASN A 62 15.06 -21.27 -8.82
N LYS A 63 15.76 -20.63 -7.88
CA LYS A 63 15.12 -19.86 -6.79
C LYS A 63 14.90 -18.41 -7.17
N ARG A 64 15.76 -17.85 -8.03
CA ARG A 64 15.59 -16.49 -8.52
C ARG A 64 14.41 -16.40 -9.47
N ILE A 65 14.01 -17.54 -10.05
CA ILE A 65 12.68 -17.67 -10.64
C ILE A 65 11.64 -17.39 -9.55
N LEU A 66 11.68 -18.19 -8.49
CA LEU A 66 10.71 -18.11 -7.39
C LEU A 66 10.75 -16.73 -6.72
N MET A 67 11.95 -16.24 -6.46
CA MET A 67 12.18 -15.01 -5.69
C MET A 67 11.59 -13.78 -6.40
N ASP A 68 11.74 -13.73 -7.72
CA ASP A 68 11.19 -12.65 -8.52
C ASP A 68 9.67 -12.72 -8.61
N LEU A 69 9.13 -13.91 -8.79
CA LEU A 69 7.66 -14.10 -8.70
C LEU A 69 7.10 -13.65 -7.35
N ASP A 70 7.85 -13.93 -6.31
CA ASP A 70 7.44 -13.57 -4.97
C ASP A 70 7.15 -12.08 -4.94
N VAL A 71 8.07 -11.32 -5.52
CA VAL A 71 7.97 -9.87 -5.53
C VAL A 71 6.75 -9.39 -6.32
N VAL A 72 6.57 -9.91 -7.52
CA VAL A 72 5.46 -9.47 -8.36
C VAL A 72 4.12 -9.88 -7.73
N LEU A 73 4.01 -11.13 -7.28
CA LEU A 73 2.82 -11.58 -6.54
C LEU A 73 2.44 -10.66 -5.39
N LYS A 74 3.43 -10.15 -4.68
CA LYS A 74 3.17 -9.23 -3.55
C LYS A 74 3.15 -7.71 -3.91
N SER A 75 2.87 -7.38 -5.18
CA SER A 75 2.81 -5.99 -5.67
C SER A 75 1.39 -5.62 -6.15
N HIS A 76 0.41 -6.41 -5.73
CA HIS A 76 -1.02 -6.15 -5.98
C HIS A 76 -1.47 -4.73 -5.68
N ASP A 77 -0.91 -4.11 -4.64
CA ASP A 77 -1.23 -2.69 -4.27
C ASP A 77 -0.50 -1.57 -5.09
N CYS A 78 0.40 -1.92 -6.01
CA CYS A 78 1.02 -0.95 -6.89
C CYS A 78 0.36 -1.01 -8.25
N PRO A 79 -0.34 0.06 -8.65
CA PRO A 79 -0.94 0.08 -9.97
C PRO A 79 0.02 0.24 -11.14
N TYR A 80 1.30 0.36 -10.90
CA TYR A 80 2.24 0.61 -12.01
C TYR A 80 3.11 -0.60 -12.30
N ILE A 81 2.81 -1.72 -11.63
CA ILE A 81 3.50 -2.96 -11.86
C ILE A 81 2.54 -3.99 -12.41
N VAL A 82 2.97 -4.64 -13.49
CA VAL A 82 2.19 -5.72 -14.08
C VAL A 82 1.78 -6.83 -13.03
N GLN A 83 0.51 -7.14 -13.00
CA GLN A 83 0.00 -8.09 -12.00
C GLN A 83 0.20 -9.50 -12.46
N CYS A 84 0.64 -10.34 -11.53
CA CYS A 84 0.67 -11.75 -11.64
C CYS A 84 -0.57 -12.34 -11.04
N PHE A 85 -1.24 -13.18 -11.81
CA PHE A 85 -2.48 -13.74 -11.33
C PHE A 85 -2.28 -15.02 -10.58
N GLY A 86 -1.12 -15.68 -10.72
CA GLY A 86 -0.90 -16.99 -10.14
C GLY A 86 0.05 -17.85 -10.96
N THR A 87 0.44 -18.99 -10.40
CA THR A 87 1.42 -19.92 -11.03
C THR A 87 0.87 -21.30 -11.04
N PHE A 88 1.21 -22.06 -12.07
CA PHE A 88 0.98 -23.51 -12.12
C PHE A 88 2.32 -24.23 -12.29
N ILE A 89 2.62 -25.15 -11.38
CA ILE A 89 3.87 -25.91 -11.39
C ILE A 89 3.54 -27.39 -11.72
N THR A 90 4.09 -27.87 -12.83
CA THR A 90 4.10 -29.32 -13.17
C THR A 90 5.55 -29.82 -13.06
N ASN A 91 5.76 -31.10 -13.36
CA ASN A 91 7.10 -31.73 -13.27
C ASN A 91 8.18 -30.94 -14.03
N THR A 92 8.03 -30.80 -15.34
CA THR A 92 8.98 -30.02 -16.16
C THR A 92 8.82 -28.50 -16.08
N ASP A 93 7.60 -28.04 -15.79
CA ASP A 93 7.19 -26.66 -16.15
C ASP A 93 6.58 -25.84 -15.03
N VAL A 94 6.96 -24.56 -15.00
CA VAL A 94 6.24 -23.54 -14.27
C VAL A 94 5.50 -22.72 -15.32
N PHE A 95 4.20 -22.53 -15.12
CA PHE A 95 3.40 -21.56 -15.90
C PHE A 95 3.04 -20.37 -15.05
N ILE A 96 3.33 -19.19 -15.55
CA ILE A 96 3.12 -17.94 -14.81
C ILE A 96 2.06 -17.12 -15.54
N ALA A 97 0.95 -16.87 -14.86
CA ALA A 97 -0.21 -16.19 -15.42
C ALA A 97 -0.15 -14.71 -15.05
N MET A 98 -0.20 -13.86 -16.06
CA MET A 98 -0.16 -12.45 -15.91
C MET A 98 -1.33 -11.77 -16.63
N GLU A 99 -1.68 -10.57 -16.13
CA GLU A 99 -2.62 -9.70 -16.85
C GLU A 99 -2.05 -9.41 -18.20
N LEU A 100 -2.87 -9.45 -19.24
CA LEU A 100 -2.41 -9.25 -20.60
C LEU A 100 -2.38 -7.77 -20.86
N MET A 101 -1.25 -7.26 -21.26
CA MET A 101 -1.18 -5.85 -21.66
C MET A 101 -1.10 -5.89 -23.15
N GLY A 102 -1.64 -4.86 -23.78
CA GLY A 102 -1.72 -4.83 -25.23
C GLY A 102 -0.38 -4.94 -25.88
N THR A 103 0.56 -4.08 -25.47
CA THR A 103 1.88 -4.12 -26.06
C THR A 103 2.91 -3.35 -25.17
N CYS A 104 4.14 -3.22 -25.67
CA CYS A 104 5.16 -2.51 -24.93
C CYS A 104 5.60 -1.28 -25.70
N ALA A 105 6.33 -0.40 -25.02
CA ALA A 105 6.79 0.87 -25.62
C ALA A 105 7.67 0.62 -26.80
N GLU A 106 8.51 -0.39 -26.76
CA GLU A 106 9.36 -0.71 -27.91
C GLU A 106 8.55 -0.88 -29.18
N LYS A 107 7.41 -1.56 -29.08
CA LYS A 107 6.64 -1.90 -30.25
C LYS A 107 5.81 -0.72 -30.66
N LEU A 108 5.40 0.11 -29.71
CA LEU A 108 4.77 1.38 -30.11
C LEU A 108 5.71 2.28 -30.89
N LYS A 109 6.98 2.32 -30.49
CA LYS A 109 7.99 3.06 -31.26
C LYS A 109 8.04 2.53 -32.68
N LYS A 110 8.18 1.22 -32.84
CA LYS A 110 8.19 0.63 -34.19
C LYS A 110 6.94 0.94 -34.99
N ARG A 111 5.77 0.81 -34.37
CA ARG A 111 4.51 1.09 -35.07
C ARG A 111 4.45 2.55 -35.45
N MET A 112 4.83 3.42 -34.52
CA MET A 112 4.88 4.85 -34.80
C MET A 112 5.85 5.23 -35.95
N GLN A 113 6.93 4.46 -36.10
CA GLN A 113 8.03 4.79 -37.00
C GLN A 113 8.51 6.22 -36.75
N GLY A 114 8.71 6.53 -35.47
CA GLY A 114 8.94 7.92 -35.03
C GLY A 114 8.65 8.10 -33.54
N PRO A 115 8.75 9.33 -33.06
CA PRO A 115 8.63 9.57 -31.65
C PRO A 115 7.26 9.32 -31.04
N ILE A 116 7.29 9.10 -29.74
CA ILE A 116 6.11 9.06 -28.93
C ILE A 116 5.98 10.44 -28.28
N PRO A 117 4.79 11.07 -28.36
CA PRO A 117 4.64 12.43 -27.88
C PRO A 117 4.97 12.54 -26.38
N GLU A 118 5.48 13.70 -26.00
CA GLU A 118 5.87 14.00 -24.64
C GLU A 118 4.77 13.78 -23.66
N ARG A 119 3.54 14.11 -24.01
CA ARG A 119 2.43 13.94 -23.04
CA ARG A 119 2.43 13.95 -23.06
C ARG A 119 2.26 12.48 -22.63
N ILE A 120 2.48 11.57 -23.56
CA ILE A 120 2.45 10.12 -23.26
C ILE A 120 3.66 9.76 -22.41
N LEU A 121 4.82 10.27 -22.79
CA LEU A 121 6.05 10.01 -22.02
C LEU A 121 6.00 10.59 -20.62
N GLY A 122 5.29 11.68 -20.42
CA GLY A 122 5.16 12.17 -19.07
C GLY A 122 4.43 11.21 -18.15
N LYS A 123 3.35 10.66 -18.65
CA LYS A 123 2.56 9.66 -17.88
C LYS A 123 3.38 8.40 -17.67
N MET A 124 4.05 7.98 -18.71
CA MET A 124 4.98 6.90 -18.57
C MET A 124 6.07 7.14 -17.53
N THR A 125 6.60 8.35 -17.45
CA THR A 125 7.64 8.64 -16.48
C THR A 125 7.13 8.54 -15.06
N VAL A 126 5.99 9.17 -14.78
CA VAL A 126 5.41 9.03 -13.40
C VAL A 126 5.18 7.58 -13.04
N ALA A 127 4.70 6.81 -13.98
CA ALA A 127 4.34 5.38 -13.69
C ALA A 127 5.61 4.53 -13.41
N ILE A 128 6.59 4.69 -14.29
CA ILE A 128 7.80 3.89 -14.15
C ILE A 128 8.60 4.32 -12.94
N VAL A 129 8.71 5.61 -12.68
CA VAL A 129 9.41 6.05 -11.48
C VAL A 129 8.69 5.55 -10.23
N LYS A 130 7.39 5.68 -10.18
CA LYS A 130 6.63 5.15 -8.99
C LYS A 130 6.74 3.64 -8.84
N ALA A 131 6.76 2.91 -9.96
CA ALA A 131 6.95 1.46 -9.90
C ALA A 131 8.28 1.11 -9.25
N LEU A 132 9.35 1.79 -9.70
CA LEU A 132 10.71 1.51 -9.20
C LEU A 132 10.87 1.91 -7.75
N TYR A 133 10.35 3.07 -7.41
CA TYR A 133 10.36 3.52 -6.05
C TYR A 133 9.64 2.52 -5.15
N TYR A 134 8.46 2.07 -5.59
CA TYR A 134 7.72 1.01 -4.89
C TYR A 134 8.52 -0.27 -4.74
N LEU A 135 9.16 -0.73 -5.78
CA LEU A 135 9.99 -1.94 -5.68
C LEU A 135 11.10 -1.80 -4.68
N LYS A 136 11.71 -0.63 -4.65
CA LYS A 136 12.77 -0.38 -3.69
C LYS A 136 12.20 -0.28 -2.25
N GLU A 137 11.18 0.52 -2.02
CA GLU A 137 10.72 0.79 -0.65
C GLU A 137 9.98 -0.37 0.02
N LYS A 138 9.13 -1.07 -0.74
CA LYS A 138 8.34 -2.17 -0.17
C LYS A 138 9.01 -3.53 -0.22
N HIS A 139 9.88 -3.76 -1.20
CA HIS A 139 10.54 -5.06 -1.34
C HIS A 139 12.05 -5.02 -1.34
N GLY A 140 12.65 -3.84 -1.30
CA GLY A 140 14.10 -3.73 -1.31
C GLY A 140 14.73 -4.34 -2.55
N VAL A 141 14.02 -4.27 -3.67
CA VAL A 141 14.59 -4.78 -4.93
C VAL A 141 14.77 -3.68 -5.93
N ILE A 142 15.73 -3.92 -6.79
CA ILE A 142 16.05 -3.06 -7.88
C ILE A 142 15.62 -3.81 -9.16
N HIS A 143 15.38 -3.11 -10.27
CA HIS A 143 14.93 -3.79 -11.48
C HIS A 143 16.06 -4.39 -12.30
N ARG A 144 16.97 -3.53 -12.77
CA ARG A 144 18.25 -3.89 -13.48
C ARG A 144 18.11 -4.04 -14.99
N ASP A 145 16.92 -3.94 -15.52
CA ASP A 145 16.76 -3.98 -16.98
C ASP A 145 15.63 -3.06 -17.48
N VAL A 146 15.69 -1.79 -17.08
CA VAL A 146 14.68 -0.84 -17.49
C VAL A 146 14.93 -0.49 -18.93
N LYS A 147 13.91 -0.61 -19.77
CA LYS A 147 14.06 -0.26 -21.17
C LYS A 147 12.71 -0.30 -21.80
N PRO A 148 12.57 0.20 -23.02
CA PRO A 148 11.23 0.31 -23.59
C PRO A 148 10.45 -1.02 -23.71
N SER A 149 11.15 -2.12 -23.92
CA SER A 149 10.45 -3.37 -24.08
C SER A 149 9.88 -3.88 -22.73
N ASN A 150 10.31 -3.27 -21.62
CA ASN A 150 9.80 -3.58 -20.31
C ASN A 150 8.83 -2.57 -19.81
N ILE A 151 8.27 -1.76 -20.69
CA ILE A 151 7.27 -0.80 -20.30
C ILE A 151 6.02 -1.17 -21.10
N LEU A 152 4.97 -1.56 -20.38
CA LEU A 152 3.74 -2.08 -21.00
C LEU A 152 2.63 -1.06 -20.98
N LEU A 153 1.88 -0.98 -22.09
CA LEU A 153 0.66 -0.15 -22.17
C LEU A 153 -0.51 -0.99 -22.58
N ASP A 154 -1.70 -0.53 -22.23
CA ASP A 154 -2.97 -1.21 -22.65
C ASP A 154 -4.01 -0.22 -23.04
N GLU A 155 -5.13 -0.76 -23.54
CA GLU A 155 -6.19 0.08 -24.13
C GLU A 155 -7.02 0.87 -23.12
N ARG A 156 -6.87 0.59 -21.85
CA ARG A 156 -7.41 1.45 -20.80
C ARG A 156 -6.46 2.60 -20.41
N GLY A 157 -5.37 2.78 -21.17
CA GLY A 157 -4.39 3.83 -20.89
C GLY A 157 -3.51 3.55 -19.68
N GLN A 158 -3.45 2.32 -19.19
CA GLN A 158 -2.53 1.99 -18.11
C GLN A 158 -1.10 1.84 -18.63
N ILE A 159 -0.14 2.21 -17.79
CA ILE A 159 1.29 2.04 -18.10
C ILE A 159 1.93 1.34 -16.93
N LYS A 160 2.57 0.22 -17.20
CA LYS A 160 3.13 -0.56 -16.13
C LYS A 160 4.51 -1.07 -16.46
N LEU A 161 5.29 -1.23 -15.40
CA LEU A 161 6.60 -1.84 -15.47
C LEU A 161 6.48 -3.34 -15.46
N CYS A 162 7.25 -3.99 -16.32
CA CYS A 162 7.35 -5.43 -16.28
C CYS A 162 8.82 -5.84 -16.41
N ASP A 163 9.05 -7.15 -16.50
CA ASP A 163 10.39 -7.71 -16.79
C ASP A 163 10.26 -8.95 -17.60
N PHE A 164 10.45 -8.81 -18.91
CA PHE A 164 10.41 -9.93 -19.85
C PHE A 164 11.59 -10.85 -19.80
N GLY A 165 12.66 -10.46 -19.12
CA GLY A 165 13.83 -11.33 -18.93
C GLY A 165 14.46 -11.91 -20.20
N ILE A 166 14.33 -11.21 -21.33
CA ILE A 166 14.84 -11.78 -22.61
C ILE A 166 14.60 -10.82 -23.78
N CYS A 182 21.58 1.98 -32.37
CA CYS A 182 21.61 0.79 -31.54
C CYS A 182 21.43 1.10 -30.03
N ALA A 183 21.15 0.02 -29.29
CA ALA A 183 20.55 0.11 -27.98
C ALA A 183 21.54 -0.20 -26.87
N ALA A 184 21.61 0.69 -25.88
CA ALA A 184 22.34 0.37 -24.64
C ALA A 184 21.76 1.20 -23.53
N TYR A 185 21.40 0.55 -22.43
CA TYR A 185 20.70 1.14 -21.31
C TYR A 185 21.44 1.10 -19.99
N MET A 186 22.61 0.48 -20.02
CA MET A 186 23.41 0.23 -18.84
C MET A 186 24.15 1.49 -18.43
N ALA A 187 24.04 1.80 -17.13
CA ALA A 187 24.75 2.94 -16.54
C ALA A 187 26.31 2.79 -16.57
N PRO A 188 27.04 3.88 -16.70
CA PRO A 188 28.51 3.74 -16.83
C PRO A 188 29.14 2.89 -15.71
N GLU A 189 28.70 3.15 -14.47
CA GLU A 189 29.17 2.41 -13.30
C GLU A 189 28.78 0.94 -13.28
N ARG A 190 27.81 0.54 -14.10
CA ARG A 190 27.50 -0.89 -14.28
C ARG A 190 28.36 -1.52 -15.36
N ILE A 191 28.74 -0.75 -16.37
CA ILE A 191 29.58 -1.27 -17.48
C ILE A 191 30.96 -1.71 -16.97
N ASP A 192 31.50 -0.89 -16.08
CA ASP A 192 32.87 -1.03 -15.60
C ASP A 192 32.92 -0.59 -14.14
N PRO A 193 32.67 -1.52 -13.21
CA PRO A 193 32.88 -1.25 -11.79
C PRO A 193 34.30 -1.64 -11.39
N PRO A 194 34.73 -1.22 -10.19
CA PRO A 194 35.80 -1.92 -9.43
C PRO A 194 35.20 -2.83 -8.34
N TYR A 201 26.08 -1.94 -7.79
CA TYR A 201 25.08 -1.02 -8.32
C TYR A 201 23.82 -1.02 -7.45
N ASP A 202 23.29 0.18 -7.22
CA ASP A 202 22.05 0.38 -6.46
CA ASP A 202 22.04 0.36 -6.49
C ASP A 202 21.07 1.08 -7.40
N ILE A 203 19.95 1.56 -6.86
CA ILE A 203 18.87 2.11 -7.67
C ILE A 203 19.26 3.11 -8.73
N ARG A 204 20.42 3.75 -8.58
CA ARG A 204 20.78 4.82 -9.48
C ARG A 204 21.11 4.32 -10.89
N ALA A 205 21.47 3.06 -11.03
CA ALA A 205 21.61 2.47 -12.38
C ALA A 205 20.28 2.40 -13.17
N ASP A 206 19.20 2.07 -12.49
CA ASP A 206 17.85 2.07 -13.10
C ASP A 206 17.43 3.50 -13.54
N VAL A 207 17.85 4.51 -12.78
CA VAL A 207 17.51 5.86 -13.11
C VAL A 207 18.15 6.25 -14.42
N TRP A 208 19.39 5.85 -14.60
CA TRP A 208 20.09 6.11 -15.84
C TRP A 208 19.35 5.40 -16.99
N SER A 209 19.00 4.15 -16.81
CA SER A 209 18.29 3.37 -17.85
C SER A 209 16.91 3.98 -18.25
N LEU A 210 16.26 4.61 -17.28
CA LEU A 210 15.03 5.37 -17.53
C LEU A 210 15.29 6.55 -18.41
N GLY A 211 16.34 7.26 -18.16
CA GLY A 211 16.64 8.41 -18.95
C GLY A 211 16.93 8.09 -20.42
N ILE A 212 17.73 7.09 -20.64
CA ILE A 212 18.10 6.62 -21.99
C ILE A 212 16.83 6.18 -22.71
N SER A 213 16.01 5.39 -22.02
CA SER A 213 14.72 4.99 -22.51
C SER A 213 13.89 6.21 -23.00
N LEU A 214 13.90 7.30 -22.27
CA LEU A 214 13.09 8.45 -22.58
C LEU A 214 13.58 9.17 -23.78
N VAL A 215 14.89 9.34 -23.88
CA VAL A 215 15.48 9.97 -25.07
C VAL A 215 15.13 9.10 -26.30
N GLU A 216 15.28 7.79 -26.18
CA GLU A 216 14.98 6.90 -27.28
C GLU A 216 13.51 7.05 -27.76
N LEU A 217 12.60 7.01 -26.81
CA LEU A 217 11.18 7.07 -27.11
C LEU A 217 10.78 8.47 -27.60
N ALA A 218 11.33 9.49 -27.00
CA ALA A 218 10.99 10.85 -27.37
C ALA A 218 11.51 11.25 -28.76
N THR A 219 12.64 10.72 -29.20
CA THR A 219 13.22 11.04 -30.51
C THR A 219 12.90 9.99 -31.59
N GLY A 220 12.42 8.82 -31.19
CA GLY A 220 12.24 7.72 -32.12
C GLY A 220 13.58 7.11 -32.57
N GLN A 221 14.66 7.47 -31.90
CA GLN A 221 16.00 7.13 -32.34
C GLN A 221 16.81 6.61 -31.17
N PHE A 222 17.65 5.62 -31.41
CA PHE A 222 18.60 5.17 -30.39
C PHE A 222 19.58 6.31 -30.09
N PRO A 223 19.84 6.61 -28.81
CA PRO A 223 20.62 7.81 -28.46
C PRO A 223 22.07 7.77 -28.89
N TYR A 224 22.68 6.60 -28.77
CA TYR A 224 24.04 6.38 -29.17
C TYR A 224 24.02 6.03 -30.65
N LYS A 225 24.72 6.85 -31.44
CA LYS A 225 24.43 6.96 -32.87
C LYS A 225 25.28 6.03 -33.74
N ASN A 226 26.59 6.25 -33.76
CA ASN A 226 27.46 5.52 -34.69
C ASN A 226 27.86 4.14 -34.14
N CYS A 227 27.00 3.14 -34.34
CA CYS A 227 27.12 1.85 -33.65
C CYS A 227 27.82 0.75 -34.46
N LYS A 228 29.14 0.75 -34.42
CA LYS A 228 29.92 -0.29 -35.09
C LYS A 228 29.67 -1.67 -34.44
N THR A 229 29.85 -1.73 -33.12
CA THR A 229 29.85 -2.99 -32.37
C THR A 229 29.25 -2.77 -30.99
N ASP A 230 29.21 -3.82 -30.18
CA ASP A 230 28.75 -3.71 -28.80
C ASP A 230 29.81 -3.00 -27.92
N PHE A 231 31.07 -3.38 -28.12
CA PHE A 231 32.22 -2.76 -27.44
C PHE A 231 32.32 -1.25 -27.71
N GLU A 232 32.19 -0.85 -28.98
CA GLU A 232 32.13 0.55 -29.35
C GLU A 232 31.08 1.30 -28.49
N VAL A 233 29.88 0.74 -28.40
CA VAL A 233 28.77 1.40 -27.74
C VAL A 233 29.03 1.54 -26.23
N LEU A 234 29.59 0.51 -25.62
CA LEU A 234 29.91 0.55 -24.19
C LEU A 234 31.02 1.51 -23.91
N THR A 235 31.98 1.59 -24.83
CA THR A 235 33.02 2.63 -24.78
C THR A 235 32.43 4.03 -24.84
N LYS A 236 31.50 4.26 -25.78
CA LYS A 236 30.81 5.56 -25.89
C LYS A 236 30.10 5.97 -24.59
N VAL A 237 29.40 5.03 -23.96
CA VAL A 237 28.75 5.30 -22.68
C VAL A 237 29.80 5.76 -21.68
N LEU A 238 30.93 5.07 -21.63
CA LEU A 238 31.98 5.43 -20.70
C LEU A 238 32.64 6.74 -21.02
N GLN A 239 32.86 7.03 -22.29
CA GLN A 239 33.68 8.18 -22.67
C GLN A 239 32.93 9.46 -23.03
N GLU A 240 31.87 9.34 -23.82
CA GLU A 240 31.13 10.51 -24.33
C GLU A 240 30.25 11.19 -23.28
N GLU A 241 29.78 12.39 -23.60
CA GLU A 241 28.77 13.04 -22.81
C GLU A 241 27.43 12.31 -22.95
N PRO A 242 26.58 12.38 -21.90
CA PRO A 242 25.25 11.81 -22.01
C PRO A 242 24.47 12.40 -23.21
N PRO A 243 23.72 11.56 -23.94
CA PRO A 243 22.90 12.04 -25.00
C PRO A 243 21.59 12.58 -24.38
N LEU A 244 21.41 13.89 -24.46
CA LEU A 244 20.30 14.59 -23.87
C LEU A 244 19.20 14.82 -24.90
N LEU A 245 18.01 15.18 -24.43
CA LEU A 245 16.94 15.54 -25.36
C LEU A 245 17.47 16.70 -26.21
N PRO A 246 17.26 16.63 -27.53
CA PRO A 246 17.63 17.73 -28.38
C PRO A 246 16.70 18.92 -28.18
N GLY A 247 17.23 20.14 -28.36
CA GLY A 247 16.49 21.35 -28.09
C GLY A 247 15.53 21.91 -29.11
N HIS A 248 15.35 21.23 -30.22
CA HIS A 248 14.60 21.81 -31.33
C HIS A 248 13.33 21.01 -31.71
N MET A 249 12.76 20.30 -30.73
CA MET A 249 11.61 19.46 -31.00
C MET A 249 10.45 19.83 -30.07
N GLY A 250 10.53 21.01 -29.47
CA GLY A 250 9.51 21.51 -28.60
C GLY A 250 9.46 20.83 -27.27
N PHE A 251 10.50 20.11 -26.88
CA PHE A 251 10.43 19.41 -25.61
C PHE A 251 10.41 20.48 -24.54
N SER A 252 9.60 20.25 -23.54
CA SER A 252 9.46 21.22 -22.48
C SER A 252 10.76 21.32 -21.73
N GLY A 253 11.03 22.48 -21.15
CA GLY A 253 12.18 22.68 -20.30
C GLY A 253 12.27 21.69 -19.16
N ASP A 254 11.13 21.38 -18.50
CA ASP A 254 11.20 20.44 -17.38
C ASP A 254 11.45 18.98 -17.81
N PHE A 255 11.02 18.59 -19.00
CA PHE A 255 11.33 17.26 -19.54
C PHE A 255 12.85 17.16 -19.88
N GLN A 256 13.39 18.23 -20.45
CA GLN A 256 14.84 18.26 -20.75
C GLN A 256 15.67 18.17 -19.49
N SER A 257 15.26 18.92 -18.49
CA SER A 257 15.87 18.91 -17.18
C SER A 257 15.79 17.53 -16.51
N PHE A 258 14.61 16.93 -16.52
CA PHE A 258 14.43 15.59 -15.93
C PHE A 258 15.39 14.56 -16.53
N VAL A 259 15.44 14.54 -17.84
CA VAL A 259 16.30 13.62 -18.54
C VAL A 259 17.74 13.90 -18.18
N LYS A 260 18.14 15.18 -18.11
CA LYS A 260 19.54 15.53 -17.79
C LYS A 260 19.92 15.09 -16.37
N ASP A 261 18.99 15.22 -15.42
CA ASP A 261 19.25 14.72 -14.08
C ASP A 261 19.40 13.20 -14.06
N CYS A 262 18.53 12.48 -14.79
CA CYS A 262 18.67 10.98 -14.91
C CYS A 262 20.01 10.56 -15.53
N LEU A 263 20.46 11.32 -16.52
CA LEU A 263 21.70 11.06 -17.24
C LEU A 263 22.89 11.78 -16.66
N THR A 264 23.00 11.75 -15.35
CA THR A 264 24.21 12.23 -14.67
C THR A 264 25.21 11.08 -14.60
N LYS A 265 26.36 11.24 -15.24
CA LYS A 265 27.35 10.11 -15.38
C LYS A 265 27.88 9.66 -14.06
N ASP A 266 28.27 10.61 -13.23
CA ASP A 266 28.75 10.33 -11.89
C ASP A 266 27.57 9.88 -11.01
N HIS A 267 27.49 8.59 -10.79
CA HIS A 267 26.36 8.00 -10.07
C HIS A 267 26.17 8.54 -8.67
N ARG A 268 27.24 9.00 -8.03
CA ARG A 268 27.13 9.63 -6.72
C ARG A 268 26.37 10.95 -6.81
N LYS A 269 26.43 11.62 -7.96
CA LYS A 269 25.67 12.86 -8.19
C LYS A 269 24.21 12.62 -8.71
N ARG A 270 23.87 11.38 -9.04
CA ARG A 270 22.60 11.09 -9.74
C ARG A 270 21.44 11.03 -8.75
N PRO A 271 20.32 11.68 -9.07
CA PRO A 271 19.21 11.70 -8.08
C PRO A 271 18.57 10.34 -7.78
N LYS A 272 18.12 10.16 -6.56
CA LYS A 272 17.35 9.01 -6.17
C LYS A 272 15.88 9.32 -6.42
N TYR A 273 15.06 8.29 -6.28
CA TYR A 273 13.66 8.39 -6.69
C TYR A 273 12.88 9.45 -5.94
N ASN A 274 13.15 9.58 -4.63
CA ASN A 274 12.45 10.59 -3.82
C ASN A 274 12.67 12.00 -4.33
N LYS A 275 13.90 12.28 -4.79
CA LYS A 275 14.25 13.54 -5.45
C LYS A 275 13.61 13.63 -6.82
N LEU A 276 13.71 12.57 -7.61
CA LEU A 276 13.01 12.55 -8.89
C LEU A 276 11.49 12.77 -8.74
N LEU A 277 10.87 12.21 -7.69
CA LEU A 277 9.44 12.41 -7.45
C LEU A 277 9.06 13.86 -7.11
N GLU A 278 10.04 14.62 -6.62
CA GLU A 278 9.87 16.04 -6.35
C GLU A 278 10.03 16.89 -7.61
N HIS A 279 10.41 16.31 -8.75
CA HIS A 279 10.77 17.12 -9.91
C HIS A 279 9.51 17.66 -10.62
N SER A 280 9.65 18.84 -11.19
CA SER A 280 8.58 19.54 -11.88
C SER A 280 7.89 18.72 -12.98
N PHE A 281 8.65 18.09 -13.82
CA PHE A 281 8.13 17.15 -14.82
C PHE A 281 7.14 16.12 -14.22
N ILE A 282 7.53 15.50 -13.11
CA ILE A 282 6.66 14.50 -12.44
C ILE A 282 5.42 15.13 -11.84
N LYS A 283 5.61 16.19 -11.05
CA LYS A 283 4.52 16.92 -10.38
C LYS A 283 3.47 17.42 -11.36
N ARG A 284 3.93 17.94 -12.46
CA ARG A 284 3.07 18.35 -13.53
C ARG A 284 2.29 17.15 -14.12
N TYR A 285 2.97 16.06 -14.44
CA TYR A 285 2.26 14.93 -15.09
C TYR A 285 1.40 14.05 -14.18
N GLU A 286 1.66 14.08 -12.87
CA GLU A 286 0.76 13.49 -11.89
C GLU A 286 -0.68 13.99 -12.02
N THR A 287 -0.84 15.31 -12.09
CA THR A 287 -2.16 15.95 -12.08
C THR A 287 -2.76 16.10 -13.47
N LEU A 288 -1.94 16.29 -14.48
CA LEU A 288 -2.44 16.66 -15.81
C LEU A 288 -3.22 15.53 -16.42
N GLU A 289 -4.45 15.79 -16.86
CA GLU A 289 -5.26 14.71 -17.45
C GLU A 289 -4.76 14.54 -18.89
N VAL A 290 -4.35 13.30 -19.21
CA VAL A 290 -3.88 12.95 -20.53
C VAL A 290 -4.62 11.70 -20.93
N ASP A 291 -5.11 11.66 -22.17
CA ASP A 291 -5.95 10.53 -22.66
C ASP A 291 -5.13 9.46 -23.38
N VAL A 292 -4.34 8.74 -22.58
CA VAL A 292 -3.42 7.73 -23.07
C VAL A 292 -4.22 6.65 -23.82
N ALA A 293 -5.37 6.28 -23.24
CA ALA A 293 -6.30 5.27 -23.86
C ALA A 293 -6.63 5.50 -25.34
N SER A 294 -7.13 6.69 -25.64
CA SER A 294 -7.48 7.09 -27.02
C SER A 294 -6.28 7.14 -27.93
N TRP A 295 -5.17 7.66 -27.43
CA TRP A 295 -3.95 7.71 -28.21
C TRP A 295 -3.53 6.27 -28.57
N PHE A 296 -3.54 5.39 -27.59
CA PHE A 296 -3.11 4.00 -27.80
C PHE A 296 -4.03 3.32 -28.81
N LYS A 297 -5.32 3.56 -28.66
CA LYS A 297 -6.31 3.03 -29.57
C LYS A 297 -6.06 3.53 -31.00
N ASP A 298 -5.84 4.83 -31.16
CA ASP A 298 -5.52 5.40 -32.47
C ASP A 298 -4.33 4.71 -33.08
N VAL A 299 -3.23 4.65 -32.30
CA VAL A 299 -2.00 4.06 -32.80
C VAL A 299 -2.26 2.65 -33.28
N MET A 300 -2.97 1.85 -32.49
CA MET A 300 -3.26 0.46 -32.86
C MET A 300 -4.11 0.34 -34.11
N ALA A 301 -5.09 1.24 -34.25
CA ALA A 301 -5.98 1.24 -35.40
C ALA A 301 -5.32 1.72 -36.69
N LYS A 302 -4.11 2.29 -36.62
CA LYS A 302 -3.44 2.85 -37.78
C LYS A 302 -2.13 2.16 -38.20
N THR A 303 -1.75 1.05 -37.56
CA THR A 303 -0.44 0.43 -37.78
C THR A 303 -0.54 -1.11 -37.67
N GLU A 304 0.50 -1.89 -38.00
CA GLU A 304 0.40 -3.38 -37.94
C GLU A 304 1.39 -4.20 -37.05
N SER A 305 2.69 -3.93 -37.12
CA SER A 305 3.68 -4.72 -36.36
C SER A 305 4.76 -3.87 -35.68
N THR B 5 -36.92 -2.52 6.19
CA THR B 5 -36.18 -3.55 5.39
C THR B 5 -34.90 -2.98 4.77
N GLY B 6 -33.75 -3.29 5.38
CA GLY B 6 -32.42 -2.97 4.85
C GLY B 6 -31.59 -4.16 4.37
N TYR B 7 -30.27 -4.00 4.34
CA TYR B 7 -29.37 -5.06 3.95
C TYR B 7 -28.18 -5.25 4.91
N LEU B 8 -27.91 -6.53 5.25
CA LEU B 8 -26.61 -6.99 5.79
C LEU B 8 -25.78 -7.75 4.78
N THR B 9 -24.54 -7.29 4.59
CA THR B 9 -23.55 -7.94 3.73
C THR B 9 -22.49 -8.61 4.59
N ILE B 10 -22.48 -9.93 4.55
CA ILE B 10 -21.63 -10.73 5.40
C ILE B 10 -20.97 -11.82 4.57
N GLY B 11 -19.65 -11.95 4.70
CA GLY B 11 -18.89 -12.91 3.92
C GLY B 11 -19.28 -12.91 2.46
N GLY B 12 -19.31 -11.73 1.87
CA GLY B 12 -19.57 -11.56 0.46
C GLY B 12 -21.02 -11.74 0.01
N GLN B 13 -21.96 -11.91 0.94
CA GLN B 13 -23.34 -12.10 0.55
C GLN B 13 -24.24 -11.10 1.23
N ARG B 14 -25.25 -10.70 0.46
CA ARG B 14 -26.15 -9.65 0.78
C ARG B 14 -27.50 -10.21 1.17
N TYR B 15 -27.84 -10.14 2.46
CA TYR B 15 -29.08 -10.65 2.98
C TYR B 15 -30.00 -9.49 3.25
N GLN B 16 -31.15 -9.52 2.60
CA GLN B 16 -32.26 -8.66 2.96
C GLN B 16 -32.52 -8.79 4.46
N ALA B 17 -32.63 -7.68 5.11
CA ALA B 17 -32.70 -7.80 6.53
C ALA B 17 -33.67 -6.78 6.99
N GLU B 18 -34.50 -7.19 7.89
CA GLU B 18 -35.40 -6.24 8.48
C GLU B 18 -35.01 -6.21 9.94
N ILE B 19 -35.30 -5.10 10.59
CA ILE B 19 -34.96 -4.87 12.01
C ILE B 19 -35.38 -6.03 12.92
N ASN B 20 -36.50 -6.69 12.60
CA ASN B 20 -36.99 -7.85 13.37
C ASN B 20 -36.23 -9.17 13.17
N ASP B 21 -35.41 -9.28 12.12
CA ASP B 21 -34.51 -10.43 11.95
C ASP B 21 -33.45 -10.44 13.04
N LEU B 22 -33.21 -9.27 13.64
CA LEU B 22 -32.25 -9.11 14.71
C LEU B 22 -32.87 -9.40 16.06
N GLU B 23 -32.25 -10.32 16.76
CA GLU B 23 -32.66 -10.78 18.07
C GLU B 23 -31.67 -10.16 19.04
N ASN B 24 -32.16 -9.47 20.06
CA ASN B 24 -31.31 -8.78 21.04
C ASN B 24 -30.82 -9.76 22.11
N LEU B 25 -29.50 -9.83 22.28
CA LEU B 25 -28.90 -10.65 23.35
C LEU B 25 -28.43 -9.83 24.56
N GLY B 26 -28.53 -8.51 24.49
CA GLY B 26 -28.18 -7.64 25.62
C GLY B 26 -27.29 -6.50 25.19
N GLU B 27 -27.20 -5.49 26.06
CA GLU B 27 -26.37 -4.35 25.78
C GLU B 27 -24.92 -4.70 26.11
N MET B 28 -23.99 -4.12 25.35
CA MET B 28 -22.56 -4.27 25.61
C MET B 28 -21.90 -3.00 26.20
N GLY B 29 -22.31 -1.81 25.76
CA GLY B 29 -21.70 -0.54 26.23
C GLY B 29 -22.23 -0.05 27.58
N SER B 30 -21.80 1.15 27.97
CA SER B 30 -22.37 1.85 29.14
C SER B 30 -22.03 3.33 29.13
N GLY B 34 -25.84 7.49 21.80
CA GLY B 34 -25.14 6.30 21.31
C GLY B 34 -25.30 5.14 22.27
N GLN B 35 -25.55 3.94 21.73
CA GLN B 35 -25.97 2.76 22.49
C GLN B 35 -25.65 1.48 21.66
N VAL B 36 -25.10 0.44 22.29
CA VAL B 36 -24.58 -0.73 21.59
C VAL B 36 -25.14 -2.06 22.12
N TRP B 37 -25.60 -2.92 21.21
CA TRP B 37 -26.26 -4.19 21.54
C TRP B 37 -25.58 -5.37 20.89
N LYS B 38 -25.41 -6.46 21.62
CA LYS B 38 -25.08 -7.73 21.01
C LYS B 38 -26.39 -8.27 20.46
N MET B 39 -26.41 -8.57 19.16
CA MET B 39 -27.58 -9.17 18.49
C MET B 39 -27.26 -10.38 17.59
N ARG B 40 -28.27 -11.21 17.38
CA ARG B 40 -28.19 -12.38 16.51
C ARG B 40 -29.00 -12.13 15.28
N PHE B 41 -28.41 -12.33 14.10
CA PHE B 41 -29.11 -12.21 12.83
C PHE B 41 -29.71 -13.56 12.53
N ARG B 42 -31.04 -13.64 12.56
CA ARG B 42 -31.76 -14.92 12.46
C ARG B 42 -31.42 -15.74 11.23
N LYS B 43 -31.31 -15.06 10.09
CA LYS B 43 -31.12 -15.69 8.80
C LYS B 43 -29.82 -16.50 8.71
N THR B 44 -28.75 -15.99 9.34
CA THR B 44 -27.47 -16.70 9.39
C THR B 44 -27.07 -17.21 10.77
N GLY B 45 -27.70 -16.77 11.84
CA GLY B 45 -27.16 -17.07 13.19
C GLY B 45 -25.90 -16.24 13.58
N HIS B 46 -25.41 -15.40 12.69
CA HIS B 46 -24.18 -14.61 13.03
C HIS B 46 -24.54 -13.69 14.22
N VAL B 47 -23.73 -13.73 15.27
CA VAL B 47 -23.82 -12.77 16.36
C VAL B 47 -23.04 -11.53 16.00
N ILE B 48 -23.66 -10.35 16.12
CA ILE B 48 -23.10 -9.10 15.64
C ILE B 48 -23.23 -7.97 16.67
N ALA B 49 -22.49 -6.88 16.43
CA ALA B 49 -22.61 -5.71 17.28
C ALA B 49 -23.38 -4.63 16.55
N VAL B 50 -24.32 -4.01 17.24
CA VAL B 50 -25.17 -3.00 16.63
C VAL B 50 -25.18 -1.71 17.43
N LYS B 51 -24.84 -0.63 16.76
CA LYS B 51 -24.96 0.69 17.34
C LYS B 51 -26.26 1.39 16.91
N GLN B 52 -26.93 1.95 17.91
CA GLN B 52 -28.14 2.75 17.73
C GLN B 52 -27.77 4.22 17.98
N MET B 53 -28.02 5.06 16.99
CA MET B 53 -27.86 6.52 17.12
C MET B 53 -29.18 7.25 16.83
N ARG B 54 -29.52 8.23 17.67
CA ARG B 54 -30.56 9.23 17.37
C ARG B 54 -30.14 10.10 16.17
N ARG B 55 -31.09 10.39 15.28
CA ARG B 55 -30.83 11.32 14.16
C ARG B 55 -30.97 12.78 14.60
N SER B 56 -29.84 13.48 14.66
CA SER B 56 -29.82 14.91 14.96
C SER B 56 -30.27 15.68 13.73
N GLY B 57 -31.03 16.75 13.97
CA GLY B 57 -31.67 17.50 12.89
C GLY B 57 -30.78 18.49 12.14
N ASN B 58 -29.52 18.65 12.55
CA ASN B 58 -28.57 19.47 11.80
C ASN B 58 -28.12 18.72 10.55
N LYS B 59 -28.20 19.36 9.38
CA LYS B 59 -27.91 18.72 8.09
C LYS B 59 -26.44 18.33 8.01
N GLU B 60 -25.55 19.28 8.26
CA GLU B 60 -24.09 19.02 8.30
C GLU B 60 -23.69 18.07 9.45
N GLU B 61 -24.28 18.30 10.63
CA GLU B 61 -24.03 17.45 11.82
C GLU B 61 -24.56 16.02 11.71
N ASN B 62 -25.42 15.77 10.72
CA ASN B 62 -25.92 14.42 10.42
C ASN B 62 -25.37 13.77 9.14
N LYS B 63 -24.55 14.51 8.39
CA LYS B 63 -23.85 13.92 7.23
C LYS B 63 -22.50 13.35 7.60
N ARG B 64 -21.85 13.91 8.62
CA ARG B 64 -20.60 13.34 9.12
C ARG B 64 -20.82 11.99 9.80
N ILE B 65 -22.05 11.72 10.26
CA ILE B 65 -22.46 10.35 10.59
C ILE B 65 -22.33 9.50 9.32
N LEU B 66 -23.03 9.93 8.27
CA LEU B 66 -23.07 9.21 7.00
C LEU B 66 -21.67 9.08 6.40
N MET B 67 -20.92 10.18 6.40
CA MET B 67 -19.61 10.27 5.74
C MET B 67 -18.59 9.29 6.37
N ASP B 68 -18.65 9.17 7.70
CA ASP B 68 -17.78 8.26 8.43
C ASP B 68 -18.14 6.80 8.22
N LEU B 69 -19.42 6.48 8.21
CA LEU B 69 -19.92 5.14 7.78
C LEU B 69 -19.50 4.78 6.34
N ASP B 70 -19.53 5.78 5.48
CA ASP B 70 -19.11 5.59 4.12
C ASP B 70 -17.70 5.02 4.11
N VAL B 71 -16.82 5.61 4.94
CA VAL B 71 -15.44 5.19 5.00
C VAL B 71 -15.29 3.76 5.53
N VAL B 72 -15.98 3.43 6.62
CA VAL B 72 -15.84 2.08 7.16
C VAL B 72 -16.44 1.04 6.21
N LEU B 73 -17.65 1.31 5.68
CA LEU B 73 -18.23 0.45 4.64
C LEU B 73 -17.26 0.17 3.51
N LYS B 74 -16.47 1.16 3.10
CA LYS B 74 -15.49 0.99 2.01
C LYS B 74 -14.06 0.56 2.45
N SER B 75 -13.94 -0.07 3.61
CA SER B 75 -12.64 -0.54 4.16
C SER B 75 -12.60 -2.06 4.30
N HIS B 76 -13.52 -2.74 3.63
CA HIS B 76 -13.54 -4.20 3.49
C HIS B 76 -12.19 -4.82 3.17
N ASP B 77 -11.36 -4.14 2.36
CA ASP B 77 -10.03 -4.66 1.98
C ASP B 77 -8.89 -4.43 3.02
N CYS B 78 -9.16 -3.73 4.12
CA CYS B 78 -8.17 -3.54 5.19
C CYS B 78 -8.49 -4.47 6.32
N PRO B 79 -7.59 -5.44 6.62
CA PRO B 79 -7.87 -6.37 7.72
C PRO B 79 -7.66 -5.77 9.12
N TYR B 80 -7.30 -4.51 9.23
CA TYR B 80 -7.00 -3.95 10.54
C TYR B 80 -8.04 -2.94 10.93
N ILE B 81 -9.11 -2.86 10.14
CA ILE B 81 -10.25 -1.99 10.45
C ILE B 81 -11.53 -2.79 10.65
N VAL B 82 -12.24 -2.48 11.74
CA VAL B 82 -13.45 -3.16 12.08
C VAL B 82 -14.47 -3.13 10.91
N GLN B 83 -15.01 -4.29 10.54
CA GLN B 83 -15.93 -4.39 9.36
C GLN B 83 -17.40 -4.09 9.69
N CYS B 84 -18.03 -3.27 8.83
CA CYS B 84 -19.43 -2.89 8.94
C CYS B 84 -20.24 -3.77 8.02
N PHE B 85 -21.31 -4.37 8.54
CA PHE B 85 -22.17 -5.25 7.74
C PHE B 85 -23.32 -4.51 7.05
N GLY B 86 -23.61 -3.29 7.46
CA GLY B 86 -24.76 -2.55 6.96
C GLY B 86 -25.41 -1.65 7.97
N THR B 87 -26.42 -0.91 7.51
CA THR B 87 -27.13 0.10 8.30
C THR B 87 -28.63 -0.06 8.12
N PHE B 88 -29.40 0.23 9.17
CA PHE B 88 -30.85 0.33 9.11
C PHE B 88 -31.25 1.72 9.57
N ILE B 89 -31.98 2.44 8.72
CA ILE B 89 -32.42 3.80 9.01
C ILE B 89 -33.95 3.81 9.19
N THR B 90 -34.41 4.20 10.40
CA THR B 90 -35.83 4.50 10.69
C THR B 90 -35.97 6.01 10.93
N ASN B 91 -37.18 6.46 11.23
CA ASN B 91 -37.45 7.89 11.43
C ASN B 91 -36.50 8.54 12.44
N THR B 92 -36.53 8.06 13.68
CA THR B 92 -35.65 8.59 14.74
C THR B 92 -34.19 8.08 14.66
N ASP B 93 -34.00 6.86 14.12
CA ASP B 93 -32.79 6.06 14.43
C ASP B 93 -32.04 5.53 13.21
N VAL B 94 -30.72 5.58 13.33
CA VAL B 94 -29.81 4.80 12.50
C VAL B 94 -29.26 3.65 13.34
N PHE B 95 -29.38 2.43 12.83
CA PHE B 95 -28.73 1.26 13.43
C PHE B 95 -27.55 0.85 12.54
N ILE B 96 -26.38 0.70 13.14
CA ILE B 96 -25.16 0.33 12.42
C ILE B 96 -24.69 -1.04 12.89
N ALA B 97 -24.60 -2.00 11.96
CA ALA B 97 -24.29 -3.41 12.26
C ALA B 97 -22.83 -3.68 11.96
N MET B 98 -22.12 -4.19 12.94
CA MET B 98 -20.68 -4.45 12.82
C MET B 98 -20.35 -5.88 13.24
N GLU B 99 -19.24 -6.38 12.73
CA GLU B 99 -18.61 -7.61 13.27
C GLU B 99 -18.36 -7.39 14.77
N LEU B 100 -18.62 -8.40 15.58
CA LEU B 100 -18.47 -8.29 17.02
C LEU B 100 -17.02 -8.66 17.37
N MET B 101 -16.34 -7.80 18.10
CA MET B 101 -14.96 -8.06 18.61
C MET B 101 -15.15 -8.26 20.08
N GLY B 102 -14.31 -9.10 20.65
CA GLY B 102 -14.52 -9.51 22.03
C GLY B 102 -14.47 -8.32 22.96
N THR B 103 -13.44 -7.52 22.83
CA THR B 103 -13.29 -6.39 23.71
C THR B 103 -12.29 -5.36 23.16
N CYS B 104 -12.02 -4.34 23.94
CA CYS B 104 -11.04 -3.33 23.55
C CYS B 104 -9.86 -3.34 24.48
N ALA B 105 -8.79 -2.69 24.05
CA ALA B 105 -7.54 -2.62 24.84
C ALA B 105 -7.76 -1.99 26.20
N GLU B 106 -8.58 -0.97 26.28
CA GLU B 106 -8.90 -0.34 27.58
C GLU B 106 -9.41 -1.35 28.61
N LYS B 107 -10.25 -2.30 28.19
CA LYS B 107 -10.85 -3.26 29.10
C LYS B 107 -9.89 -4.38 29.40
N LEU B 108 -9.03 -4.73 28.44
CA LEU B 108 -7.97 -5.67 28.77
C LEU B 108 -7.02 -5.10 29.82
N LYS B 109 -6.73 -3.81 29.73
CA LYS B 109 -5.91 -3.15 30.77
C LYS B 109 -6.58 -3.30 32.16
N LYS B 110 -7.86 -2.95 32.26
CA LYS B 110 -8.61 -3.14 33.49
C LYS B 110 -8.63 -4.57 33.99
N ARG B 111 -8.87 -5.53 33.11
CA ARG B 111 -8.84 -6.94 33.48
C ARG B 111 -7.47 -7.34 33.97
N MET B 112 -6.44 -6.97 33.22
CA MET B 112 -5.06 -7.26 33.59
C MET B 112 -4.67 -6.64 34.95
N GLN B 113 -5.26 -5.50 35.29
CA GLN B 113 -4.86 -4.69 36.46
C GLN B 113 -3.35 -4.50 36.42
N GLY B 114 -2.85 -4.06 35.27
CA GLY B 114 -1.42 -4.02 35.00
C GLY B 114 -1.12 -4.05 33.51
N PRO B 115 0.16 -4.13 33.15
CA PRO B 115 0.56 -3.96 31.77
C PRO B 115 0.17 -5.09 30.83
N ILE B 116 0.15 -4.74 29.56
CA ILE B 116 -0.01 -5.66 28.51
C ILE B 116 1.40 -5.92 28.02
N PRO B 117 1.80 -7.19 27.85
CA PRO B 117 3.15 -7.49 27.38
C PRO B 117 3.46 -6.89 26.04
N GLU B 118 4.71 -6.60 25.86
CA GLU B 118 5.23 -6.00 24.66
C GLU B 118 4.93 -6.80 23.41
N ARG B 119 5.02 -8.13 23.46
CA ARG B 119 4.78 -8.93 22.25
C ARG B 119 3.37 -8.72 21.68
N ILE B 120 2.39 -8.53 22.57
CA ILE B 120 1.03 -8.17 22.18
C ILE B 120 1.02 -6.76 21.61
N LEU B 121 1.70 -5.83 22.32
CA LEU B 121 1.73 -4.43 21.86
C LEU B 121 2.44 -4.29 20.55
N GLY B 122 3.41 -5.12 20.28
CA GLY B 122 4.04 -5.05 18.94
C GLY B 122 3.13 -5.39 17.78
N LYS B 123 2.33 -6.44 17.97
CA LYS B 123 1.29 -6.79 16.96
C LYS B 123 0.24 -5.74 16.87
N MET B 124 -0.20 -5.24 18.01
CA MET B 124 -1.13 -4.08 18.02
C MET B 124 -0.58 -2.86 17.27
N THR B 125 0.71 -2.61 17.37
CA THR B 125 1.28 -1.46 16.73
C THR B 125 1.23 -1.62 15.22
N VAL B 126 1.70 -2.74 14.71
CA VAL B 126 1.66 -2.96 13.24
C VAL B 126 0.24 -2.83 12.71
N ALA B 127 -0.74 -3.35 13.46
CA ALA B 127 -2.14 -3.30 13.02
C ALA B 127 -2.71 -1.87 12.99
N ILE B 128 -2.49 -1.13 14.09
CA ILE B 128 -3.03 0.19 14.15
C ILE B 128 -2.35 1.08 13.19
N VAL B 129 -1.03 1.00 13.10
CA VAL B 129 -0.31 1.88 12.16
C VAL B 129 -0.80 1.57 10.74
N LYS B 130 -0.89 0.31 10.37
CA LYS B 130 -1.41 -0.06 9.00
C LYS B 130 -2.81 0.40 8.75
N ALA B 131 -3.68 0.30 9.77
CA ALA B 131 -5.04 0.83 9.68
C ALA B 131 -5.06 2.33 9.37
N LEU B 132 -4.26 3.09 10.12
CA LEU B 132 -4.21 4.54 9.93
C LEU B 132 -3.65 4.92 8.60
N TYR B 133 -2.57 4.26 8.23
CA TYR B 133 -1.94 4.51 6.94
C TYR B 133 -2.96 4.26 5.85
N TYR B 134 -3.67 3.14 5.95
CA TYR B 134 -4.73 2.82 5.02
C TYR B 134 -5.78 3.90 4.96
N LEU B 135 -6.26 4.35 6.11
CA LEU B 135 -7.27 5.40 6.11
C LEU B 135 -6.80 6.67 5.40
N LYS B 136 -5.53 7.01 5.61
CA LYS B 136 -4.97 8.18 4.95
C LYS B 136 -4.76 7.96 3.45
N GLU B 137 -4.14 6.87 3.04
CA GLU B 137 -3.84 6.66 1.60
C GLU B 137 -5.06 6.34 0.71
N LYS B 138 -5.99 5.54 1.20
CA LYS B 138 -7.16 5.14 0.39
C LYS B 138 -8.34 6.08 0.47
N HIS B 139 -8.52 6.73 1.61
CA HIS B 139 -9.68 7.58 1.82
C HIS B 139 -9.36 9.03 2.17
N GLY B 140 -8.08 9.36 2.34
CA GLY B 140 -7.70 10.70 2.72
C GLY B 140 -8.28 11.15 4.03
N VAL B 141 -8.47 10.21 4.95
CA VAL B 141 -9.08 10.50 6.22
C VAL B 141 -8.13 10.22 7.34
N ILE B 142 -8.29 10.97 8.40
CA ILE B 142 -7.51 10.88 9.58
C ILE B 142 -8.50 10.34 10.65
N HIS B 143 -8.00 9.67 11.69
CA HIS B 143 -8.89 9.11 12.70
C HIS B 143 -9.36 10.12 13.72
N ARG B 144 -8.39 10.75 14.42
CA ARG B 144 -8.60 11.89 15.40
C ARG B 144 -8.96 11.47 16.81
N ASP B 145 -9.16 10.19 17.06
CA ASP B 145 -9.39 9.74 18.43
C ASP B 145 -8.78 8.34 18.67
N VAL B 146 -7.49 8.23 18.40
CA VAL B 146 -6.76 7.00 18.70
C VAL B 146 -6.57 6.87 20.18
N LYS B 147 -6.98 5.75 20.74
CA LYS B 147 -6.77 5.51 22.16
C LYS B 147 -7.13 4.08 22.45
N PRO B 148 -6.82 3.59 23.64
CA PRO B 148 -7.05 2.16 23.90
C PRO B 148 -8.50 1.65 23.74
N SER B 149 -9.47 2.50 24.03
CA SER B 149 -10.88 2.09 23.90
C SER B 149 -11.31 1.94 22.42
N ASN B 150 -10.49 2.44 21.49
CA ASN B 150 -10.68 2.29 20.11
C ASN B 150 -9.78 1.25 19.46
N ILE B 151 -9.25 0.35 20.25
CA ILE B 151 -8.43 -0.71 19.71
C ILE B 151 -9.07 -2.01 20.14
N LEU B 152 -9.51 -2.79 19.17
CA LEU B 152 -10.33 -3.99 19.45
C LEU B 152 -9.53 -5.21 19.25
N LEU B 153 -9.72 -6.16 20.13
CA LEU B 153 -9.16 -7.49 20.00
C LEU B 153 -10.25 -8.57 20.10
N ASP B 154 -9.96 -9.74 19.52
CA ASP B 154 -10.91 -10.90 19.56
C ASP B 154 -10.15 -12.17 19.80
N GLU B 155 -10.90 -13.24 19.99
CA GLU B 155 -10.31 -14.55 20.36
C GLU B 155 -9.56 -15.27 19.25
N ARG B 156 -9.67 -14.79 18.01
CA ARG B 156 -8.83 -15.28 16.89
C ARG B 156 -7.52 -14.52 16.79
N GLY B 157 -7.25 -13.63 17.78
CA GLY B 157 -6.03 -12.86 17.79
C GLY B 157 -5.99 -11.74 16.81
N GLN B 158 -7.13 -11.32 16.27
CA GLN B 158 -7.16 -10.14 15.41
C GLN B 158 -7.14 -8.88 16.26
N ILE B 159 -6.54 -7.84 15.70
CA ILE B 159 -6.47 -6.50 16.33
C ILE B 159 -6.91 -5.52 15.29
N LYS B 160 -7.90 -4.73 15.63
CA LYS B 160 -8.43 -3.79 14.66
C LYS B 160 -8.70 -2.43 15.28
N LEU B 161 -8.62 -1.43 14.42
CA LEU B 161 -8.98 -0.07 14.75
C LEU B 161 -10.49 0.14 14.62
N CYS B 162 -11.08 0.81 15.60
CA CYS B 162 -12.43 1.20 15.50
C CYS B 162 -12.60 2.64 15.94
N ASP B 163 -13.86 3.09 16.01
CA ASP B 163 -14.20 4.41 16.59
C ASP B 163 -15.54 4.27 17.25
N PHE B 164 -15.52 4.14 18.58
CA PHE B 164 -16.70 4.15 19.39
C PHE B 164 -17.38 5.49 19.58
N GLY B 165 -16.75 6.59 19.18
CA GLY B 165 -17.37 7.94 19.28
C GLY B 165 -17.80 8.40 20.67
N ILE B 166 -17.09 7.95 21.71
CA ILE B 166 -17.21 8.41 23.09
C ILE B 166 -15.95 9.19 23.59
N SER B 167 -16.19 10.25 24.36
CA SER B 167 -15.12 10.99 25.07
C SER B 167 -15.64 11.51 26.41
N GLY B 181 -3.76 10.07 38.57
CA GLY B 181 -3.47 10.00 37.14
C GLY B 181 -4.70 10.28 36.28
N CYS B 182 -4.48 10.53 34.99
CA CYS B 182 -5.58 10.75 34.04
C CYS B 182 -5.17 10.62 32.56
N ALA B 183 -6.16 10.67 31.69
CA ALA B 183 -6.01 10.35 30.26
C ALA B 183 -5.98 11.60 29.41
N ALA B 184 -5.00 11.72 28.53
CA ALA B 184 -5.04 12.73 27.47
C ALA B 184 -4.20 12.26 26.32
N TYR B 185 -4.77 12.28 25.11
CA TYR B 185 -4.18 11.67 23.94
C TYR B 185 -3.90 12.65 22.85
N MET B 186 -4.28 13.90 23.09
CA MET B 186 -4.18 14.98 22.14
C MET B 186 -2.74 15.51 21.97
N ALA B 187 -2.30 15.63 20.72
CA ALA B 187 -0.99 16.16 20.38
C ALA B 187 -0.84 17.65 20.72
N PRO B 188 0.36 18.10 21.08
CA PRO B 188 0.51 19.51 21.49
C PRO B 188 -0.02 20.50 20.45
N GLU B 189 0.27 20.25 19.19
CA GLU B 189 -0.23 21.09 18.10
C GLU B 189 -1.75 21.05 17.85
N ARG B 190 -2.44 20.08 18.43
CA ARG B 190 -3.90 20.07 18.44
C ARG B 190 -4.44 20.88 19.60
N ILE B 191 -3.71 20.87 20.71
CA ILE B 191 -4.14 21.62 21.89
C ILE B 191 -4.13 23.14 21.62
N ASP B 192 -3.06 23.57 20.94
CA ASP B 192 -2.74 24.97 20.73
C ASP B 192 -1.99 25.04 19.39
N PRO B 193 -2.73 25.13 18.29
CA PRO B 193 -2.12 25.21 16.97
C PRO B 193 -1.71 26.63 16.58
N PRO B 194 -0.87 26.75 15.54
CA PRO B 194 -0.81 27.97 14.69
C PRO B 194 -1.65 27.86 13.39
N ASP B 200 -5.33 22.62 10.59
CA ASP B 200 -5.47 22.51 12.04
C ASP B 200 -4.64 21.35 12.61
N TYR B 201 -4.61 20.25 11.86
CA TYR B 201 -3.90 19.01 12.23
C TYR B 201 -4.01 17.97 11.10
N ASP B 202 -2.91 17.27 10.86
CA ASP B 202 -2.85 16.19 9.87
C ASP B 202 -2.44 14.93 10.60
N ILE B 203 -2.08 13.89 9.86
CA ILE B 203 -1.89 12.57 10.43
C ILE B 203 -0.98 12.49 11.63
N ARG B 204 -0.12 13.50 11.79
CA ARG B 204 0.87 13.40 12.83
C ARG B 204 0.25 13.50 14.22
N ALA B 205 -0.94 14.06 14.34
CA ALA B 205 -1.62 14.06 15.63
C ALA B 205 -2.05 12.64 16.09
N ASP B 206 -2.44 11.80 15.14
CA ASP B 206 -2.76 10.41 15.42
C ASP B 206 -1.53 9.60 15.85
N VAL B 207 -0.39 9.92 15.29
CA VAL B 207 0.87 9.26 15.65
C VAL B 207 1.20 9.52 17.11
N TRP B 208 0.96 10.75 17.55
CA TRP B 208 1.20 11.11 18.95
C TRP B 208 0.25 10.30 19.81
N SER B 209 -1.03 10.30 19.47
CA SER B 209 -2.02 9.56 20.25
C SER B 209 -1.69 8.05 20.37
N LEU B 210 -1.12 7.48 19.30
CA LEU B 210 -0.63 6.13 19.33
C LEU B 210 0.44 5.92 20.34
N GLY B 211 1.39 6.85 20.40
CA GLY B 211 2.48 6.70 21.34
C GLY B 211 2.04 6.75 22.76
N ILE B 212 1.15 7.65 23.07
CA ILE B 212 0.58 7.79 24.43
C ILE B 212 -0.21 6.52 24.81
N SER B 213 -1.01 6.04 23.86
CA SER B 213 -1.72 4.76 24.03
C SER B 213 -0.78 3.61 24.35
N LEU B 214 0.36 3.54 23.67
CA LEU B 214 1.33 2.47 23.94
C LEU B 214 1.99 2.56 25.28
N VAL B 215 2.35 3.76 25.73
CA VAL B 215 2.91 3.89 27.06
C VAL B 215 1.87 3.48 28.10
N GLU B 216 0.64 3.95 27.93
CA GLU B 216 -0.45 3.60 28.85
C GLU B 216 -0.63 2.09 28.98
N LEU B 217 -0.69 1.44 27.83
CA LEU B 217 -0.90 -0.04 27.80
C LEU B 217 0.34 -0.82 28.23
N ALA B 218 1.51 -0.35 27.85
CA ALA B 218 2.77 -1.00 28.31
C ALA B 218 3.04 -0.89 29.80
N THR B 219 2.62 0.20 30.45
CA THR B 219 2.89 0.40 31.92
C THR B 219 1.68 0.05 32.78
N GLY B 220 0.50 -0.08 32.19
CA GLY B 220 -0.73 -0.21 32.96
C GLY B 220 -1.21 1.07 33.63
N GLN B 221 -0.68 2.21 33.21
CA GLN B 221 -0.94 3.44 33.90
C GLN B 221 -1.07 4.58 32.96
N PHE B 222 -1.87 5.57 33.33
CA PHE B 222 -1.93 6.81 32.55
C PHE B 222 -0.57 7.55 32.59
N PRO B 223 -0.06 8.01 31.44
CA PRO B 223 1.27 8.59 31.40
C PRO B 223 1.44 9.90 32.15
N TYR B 224 0.44 10.77 32.08
CA TYR B 224 0.45 12.07 32.77
C TYR B 224 -0.11 11.87 34.17
N LYS B 225 0.59 12.37 35.18
CA LYS B 225 0.39 11.92 36.57
C LYS B 225 -0.46 12.86 37.43
N ASN B 226 0.03 14.05 37.73
CA ASN B 226 -0.65 14.91 38.74
C ASN B 226 -1.78 15.74 38.15
N CYS B 227 -2.98 15.16 38.05
CA CYS B 227 -4.07 15.71 37.23
C CYS B 227 -5.09 16.52 38.03
N LYS B 228 -4.74 17.77 38.30
CA LYS B 228 -5.59 18.67 39.08
C LYS B 228 -6.85 19.04 38.31
N THR B 229 -6.67 19.50 37.07
CA THR B 229 -7.76 20.01 36.23
C THR B 229 -7.49 19.66 34.78
N ASP B 230 -8.41 20.03 33.90
CA ASP B 230 -8.26 19.77 32.46
C ASP B 230 -7.22 20.72 31.87
N PHE B 231 -7.26 21.97 32.30
CA PHE B 231 -6.27 23.00 31.92
C PHE B 231 -4.83 22.64 32.37
N GLU B 232 -4.67 22.18 33.61
CA GLU B 232 -3.40 21.63 34.07
C GLU B 232 -2.85 20.57 33.05
N VAL B 233 -3.68 19.62 32.69
CA VAL B 233 -3.24 18.48 31.87
C VAL B 233 -2.80 18.93 30.51
N LEU B 234 -3.55 19.87 29.95
CA LEU B 234 -3.23 20.41 28.63
C LEU B 234 -1.97 21.25 28.68
N THR B 235 -1.78 21.97 29.78
CA THR B 235 -0.53 22.67 30.06
C THR B 235 0.66 21.72 30.13
N LYS B 236 0.51 20.61 30.85
CA LYS B 236 1.55 19.58 30.93
C LYS B 236 1.96 19.06 29.55
N VAL B 237 0.99 18.78 28.71
CA VAL B 237 1.29 18.29 27.36
C VAL B 237 2.12 19.34 26.67
N LEU B 238 1.74 20.60 26.80
CA LEU B 238 2.48 21.66 26.15
C LEU B 238 3.86 21.91 26.73
N GLN B 239 4.02 21.78 28.03
CA GLN B 239 5.26 22.22 28.70
C GLN B 239 6.24 21.09 29.00
N GLU B 240 5.76 19.99 29.55
CA GLU B 240 6.61 18.93 30.00
C GLU B 240 7.20 18.11 28.83
N GLU B 241 8.21 17.30 29.15
CA GLU B 241 8.73 16.36 28.20
C GLU B 241 7.72 15.25 27.98
N PRO B 242 7.73 14.67 26.78
CA PRO B 242 6.92 13.48 26.55
C PRO B 242 7.17 12.37 27.59
N PRO B 243 6.09 11.73 28.07
CA PRO B 243 6.26 10.59 28.95
C PRO B 243 6.61 9.34 28.13
N LEU B 244 7.84 8.86 28.28
CA LEU B 244 8.41 7.80 27.48
C LEU B 244 8.29 6.50 28.23
N LEU B 245 8.50 5.38 27.52
CA LEU B 245 8.56 4.12 28.20
C LEU B 245 9.71 4.21 29.24
N PRO B 246 9.46 3.80 30.47
CA PRO B 246 10.49 3.85 31.49
C PRO B 246 11.53 2.78 31.22
N GLY B 247 12.77 3.09 31.54
CA GLY B 247 13.86 2.14 31.38
C GLY B 247 13.82 1.24 32.63
N HIS B 248 14.47 0.10 32.57
CA HIS B 248 14.57 -0.83 33.71
C HIS B 248 13.26 -1.63 33.95
N MET B 249 12.34 -1.68 32.99
CA MET B 249 11.18 -2.53 33.14
C MET B 249 11.17 -3.57 32.04
N GLY B 250 12.28 -3.71 31.35
CA GLY B 250 12.47 -4.73 30.37
C GLY B 250 11.87 -4.47 29.01
N PHE B 251 11.66 -3.20 28.63
CA PHE B 251 11.18 -2.89 27.27
C PHE B 251 12.34 -2.89 26.30
N SER B 252 12.12 -3.46 25.12
CA SER B 252 13.17 -3.57 24.12
C SER B 252 13.59 -2.16 23.69
N GLY B 253 14.84 -2.00 23.30
CA GLY B 253 15.35 -0.80 22.73
C GLY B 253 14.55 -0.28 21.55
N ASP B 254 14.11 -1.17 20.65
CA ASP B 254 13.33 -0.66 19.49
C ASP B 254 11.87 -0.23 19.82
N PHE B 255 11.27 -0.82 20.86
CA PHE B 255 9.98 -0.35 21.36
C PHE B 255 10.13 1.02 22.01
N GLN B 256 11.22 1.21 22.76
CA GLN B 256 11.44 2.54 23.43
C GLN B 256 11.66 3.62 22.42
N SER B 257 12.42 3.28 21.41
CA SER B 257 12.66 4.15 20.29
C SER B 257 11.39 4.50 19.54
N PHE B 258 10.56 3.47 19.21
CA PHE B 258 9.33 3.69 18.47
C PHE B 258 8.41 4.65 19.19
N VAL B 259 8.25 4.42 20.47
CA VAL B 259 7.47 5.30 21.28
C VAL B 259 8.05 6.70 21.30
N LYS B 260 9.36 6.83 21.40
CA LYS B 260 9.97 8.20 21.47
C LYS B 260 9.79 8.95 20.15
N ASP B 261 9.89 8.25 19.03
CA ASP B 261 9.64 8.90 17.74
C ASP B 261 8.16 9.36 17.64
N CYS B 262 7.22 8.53 18.08
CA CYS B 262 5.78 8.95 18.11
C CYS B 262 5.58 10.17 18.97
N LEU B 263 6.28 10.24 20.10
CA LEU B 263 6.12 11.31 21.05
C LEU B 263 7.13 12.45 20.81
N THR B 264 7.34 12.83 19.56
CA THR B 264 8.14 13.97 19.21
C THR B 264 7.22 15.20 19.28
N LYS B 265 7.55 16.13 20.17
CA LYS B 265 6.64 17.26 20.44
C LYS B 265 6.47 18.15 19.25
N ASP B 266 7.58 18.45 18.60
CA ASP B 266 7.58 19.26 17.39
C ASP B 266 7.01 18.42 16.25
N HIS B 267 5.76 18.68 15.91
CA HIS B 267 5.06 17.89 14.91
C HIS B 267 5.73 17.89 13.54
N ARG B 268 6.47 18.94 13.20
CA ARG B 268 7.24 18.97 11.95
C ARG B 268 8.35 17.95 11.96
N LYS B 269 8.86 17.63 13.14
CA LYS B 269 9.87 16.57 13.28
C LYS B 269 9.27 15.12 13.43
N ARG B 270 7.95 15.01 13.59
CA ARG B 270 7.33 13.74 13.98
C ARG B 270 7.16 12.85 12.74
N PRO B 271 7.53 11.59 12.85
CA PRO B 271 7.46 10.77 11.63
C PRO B 271 6.04 10.54 11.07
N LYS B 272 5.95 10.43 9.76
CA LYS B 272 4.73 9.98 9.09
C LYS B 272 4.72 8.45 9.00
N TYR B 273 3.58 7.92 8.60
CA TYR B 273 3.34 6.49 8.69
C TYR B 273 4.29 5.67 7.85
N ASN B 274 4.64 6.19 6.67
CA ASN B 274 5.61 5.48 5.80
C ASN B 274 6.99 5.29 6.47
N LYS B 275 7.43 6.31 7.22
CA LYS B 275 8.63 6.24 8.04
C LYS B 275 8.44 5.33 9.23
N LEU B 276 7.32 5.47 9.95
CA LEU B 276 7.02 4.54 11.03
C LEU B 276 6.96 3.11 10.54
N LEU B 277 6.44 2.86 9.34
CA LEU B 277 6.41 1.49 8.77
C LEU B 277 7.78 0.92 8.44
N GLU B 278 8.78 1.82 8.29
CA GLU B 278 10.20 1.42 8.11
C GLU B 278 10.90 1.16 9.43
N HIS B 279 10.25 1.39 10.57
CA HIS B 279 10.95 1.31 11.87
C HIS B 279 11.17 -0.18 12.30
N SER B 280 12.27 -0.41 13.01
CA SER B 280 12.70 -1.71 13.47
C SER B 280 11.65 -2.48 14.29
N PHE B 281 11.04 -1.79 15.25
CA PHE B 281 9.91 -2.35 16.00
C PHE B 281 8.83 -2.96 15.10
N ILE B 282 8.40 -2.23 14.07
CA ILE B 282 7.34 -2.67 13.15
C ILE B 282 7.82 -3.86 12.32
N LYS B 283 9.00 -3.70 11.70
CA LYS B 283 9.60 -4.75 10.81
C LYS B 283 9.76 -6.05 11.54
N ARG B 284 10.17 -5.94 12.79
CA ARG B 284 10.33 -7.10 13.63
C ARG B 284 8.99 -7.76 13.89
N TYR B 285 7.99 -6.98 14.25
CA TYR B 285 6.71 -7.56 14.60
C TYR B 285 5.85 -8.03 13.42
N GLU B 286 6.08 -7.47 12.23
CA GLU B 286 5.42 -7.95 11.00
C GLU B 286 5.66 -9.44 10.75
N THR B 287 6.91 -9.88 10.89
CA THR B 287 7.29 -11.25 10.65
C THR B 287 7.15 -12.18 11.87
N LEU B 288 7.37 -11.68 13.07
CA LEU B 288 7.44 -12.53 14.24
C LEU B 288 6.10 -13.18 14.50
N GLU B 289 6.07 -14.50 14.66
CA GLU B 289 4.82 -15.17 15.01
C GLU B 289 4.58 -14.96 16.50
N VAL B 290 3.41 -14.40 16.81
CA VAL B 290 3.00 -14.16 18.19
C VAL B 290 1.60 -14.69 18.29
N ASP B 291 1.35 -15.44 19.35
CA ASP B 291 0.06 -16.10 19.53
C ASP B 291 -0.87 -15.24 20.41
N VAL B 292 -1.35 -14.17 19.80
CA VAL B 292 -2.27 -13.21 20.44
C VAL B 292 -3.52 -13.91 20.89
N ALA B 293 -4.07 -14.77 20.01
CA ALA B 293 -5.25 -15.59 20.35
C ALA B 293 -5.22 -16.27 21.73
N SER B 294 -4.19 -17.08 21.96
CA SER B 294 -4.01 -17.82 23.24
C SER B 294 -3.83 -16.93 24.44
N TRP B 295 -3.05 -15.87 24.26
CA TRP B 295 -2.95 -14.85 25.27
C TRP B 295 -4.33 -14.26 25.64
N PHE B 296 -5.07 -13.86 24.63
CA PHE B 296 -6.37 -13.22 24.86
C PHE B 296 -7.25 -14.19 25.61
N LYS B 297 -7.22 -15.44 25.18
CA LYS B 297 -8.07 -16.48 25.76
C LYS B 297 -7.73 -16.69 27.21
N ASP B 298 -6.43 -16.78 27.51
CA ASP B 298 -5.97 -16.84 28.90
C ASP B 298 -6.51 -15.69 29.73
N VAL B 299 -6.30 -14.46 29.25
CA VAL B 299 -6.74 -13.29 29.97
C VAL B 299 -8.23 -13.37 30.28
N MET B 300 -9.03 -13.70 29.27
CA MET B 300 -10.48 -13.79 29.47
C MET B 300 -10.88 -14.85 30.47
N ALA B 301 -10.16 -15.98 30.44
CA ALA B 301 -10.47 -17.11 31.32
C ALA B 301 -10.04 -16.85 32.78
N LYS B 302 -9.27 -15.80 33.04
CA LYS B 302 -8.76 -15.53 34.38
C LYS B 302 -9.27 -14.25 35.05
N THR B 303 -10.21 -13.54 34.45
CA THR B 303 -10.61 -12.18 34.92
C THR B 303 -12.10 -11.95 34.68
N GLU B 304 -12.69 -10.84 35.20
CA GLU B 304 -14.15 -10.61 35.07
C GLU B 304 -14.67 -9.34 34.35
N SER B 305 -14.21 -8.16 34.73
CA SER B 305 -14.75 -6.91 34.17
C SER B 305 -13.67 -5.89 33.77
#